data_7X5D
#
_entry.id   7X5D
#
_cell.length_a   29.788
_cell.length_b   40.966
_cell.length_c   140.714
_cell.angle_alpha   90.000
_cell.angle_beta   90.000
_cell.angle_gamma   90.000
#
_symmetry.space_group_name_H-M   'P 21 21 2'
#
loop_
_entity.id
_entity.type
_entity.pdbx_description
1 polymer Lamin-A/C
2 water water
#
_entity_poly.entity_id   1
_entity_poly.type   'polypeptide(L)'
_entity_poly.pdbx_seq_one_letter_code
;GAMDPEFALQELRAQHEDQVEQYKKELEKTYSAKLDNARQSAERNSNLVGAAHEELQQSRIRIDSLSAQLSQLQKQLAAC
EAKLRDLEDSLARERDTSRRLLA
;
_entity_poly.pdbx_strand_id   A,B
#
# COMPACT_ATOMS: atom_id res chain seq x y z
N MET A 3 -64.67 -56.24 -35.15
CA MET A 3 -65.34 -55.95 -36.41
C MET A 3 -64.76 -54.70 -37.06
N ASP A 4 -65.62 -53.71 -37.28
CA ASP A 4 -65.22 -52.48 -37.97
C ASP A 4 -64.47 -51.55 -37.02
N PRO A 5 -64.88 -51.38 -35.76
CA PRO A 5 -64.06 -50.59 -34.82
C PRO A 5 -62.64 -51.11 -34.67
N GLU A 6 -62.39 -52.40 -34.90
CA GLU A 6 -61.06 -52.96 -34.74
C GLU A 6 -60.05 -52.29 -35.65
N PHE A 7 -60.47 -51.86 -36.83
CA PHE A 7 -59.53 -51.20 -37.73
C PHE A 7 -59.23 -49.78 -37.27
N ALA A 8 -60.16 -49.14 -36.57
CA ALA A 8 -59.86 -47.84 -35.97
C ALA A 8 -58.91 -48.00 -34.78
N LEU A 9 -59.10 -49.06 -33.98
CA LEU A 9 -58.19 -49.35 -32.89
C LEU A 9 -56.77 -49.54 -33.40
N GLN A 10 -56.58 -50.46 -34.35
CA GLN A 10 -55.25 -50.72 -34.90
C GLN A 10 -54.62 -49.45 -35.43
N GLU A 11 -55.40 -48.64 -36.14
CA GLU A 11 -54.81 -47.45 -36.73
C GLU A 11 -54.49 -46.40 -35.67
N LEU A 12 -55.34 -46.29 -34.63
CA LEU A 12 -55.01 -45.42 -33.50
C LEU A 12 -53.70 -45.85 -32.85
N ARG A 13 -53.55 -47.15 -32.57
CA ARG A 13 -52.29 -47.64 -32.01
C ARG A 13 -51.10 -47.27 -32.89
N ALA A 14 -51.25 -47.46 -34.21
CA ALA A 14 -50.15 -47.17 -35.12
C ALA A 14 -49.83 -45.67 -35.15
N GLN A 15 -50.86 -44.83 -35.16
CA GLN A 15 -50.66 -43.40 -35.00
C GLN A 15 -49.90 -43.10 -33.72
N HIS A 16 -50.27 -43.76 -32.63
CA HIS A 16 -49.65 -43.47 -31.35
C HIS A 16 -48.17 -43.84 -31.34
N GLU A 17 -47.83 -44.99 -31.94
CA GLU A 17 -46.43 -45.41 -31.96
C GLU A 17 -45.55 -44.47 -32.78
N ASP A 18 -46.09 -43.94 -33.89
CA ASP A 18 -45.35 -42.94 -34.65
C ASP A 18 -45.12 -41.68 -33.83
N GLN A 19 -46.17 -41.20 -33.16
CA GLN A 19 -46.04 -39.99 -32.37
C GLN A 19 -45.14 -40.20 -31.15
N VAL A 20 -45.16 -41.39 -30.55
CA VAL A 20 -44.24 -41.65 -29.43
C VAL A 20 -42.80 -41.66 -29.91
N GLU A 21 -42.55 -42.21 -31.10
CA GLU A 21 -41.19 -42.20 -31.64
C GLU A 21 -40.74 -40.77 -31.96
N GLN A 22 -41.59 -40.00 -32.64
CA GLN A 22 -41.30 -38.59 -32.88
C GLN A 22 -41.00 -37.87 -31.57
N TYR A 23 -41.85 -38.06 -30.57
CA TYR A 23 -41.65 -37.40 -29.28
C TYR A 23 -40.32 -37.80 -28.64
N LYS A 24 -39.95 -39.07 -28.74
CA LYS A 24 -38.67 -39.53 -28.20
C LYS A 24 -37.52 -38.79 -28.84
N LYS A 25 -37.54 -38.62 -30.16
CA LYS A 25 -36.48 -37.87 -30.83
C LYS A 25 -36.47 -36.42 -30.41
N GLU A 26 -37.64 -35.79 -30.37
CA GLU A 26 -37.73 -34.37 -30.00
C GLU A 26 -37.21 -34.16 -28.58
N LEU A 27 -37.58 -35.07 -27.67
CA LEU A 27 -37.15 -34.96 -26.28
C LEU A 27 -35.64 -35.13 -26.14
N GLU A 28 -35.07 -36.10 -26.86
CA GLU A 28 -33.64 -36.35 -26.73
C GLU A 28 -32.83 -35.16 -27.24
N LYS A 29 -33.29 -34.51 -28.30
CA LYS A 29 -32.58 -33.35 -28.83
C LYS A 29 -32.70 -32.16 -27.88
N THR A 30 -33.89 -31.92 -27.34
CA THR A 30 -34.08 -30.83 -26.39
C THR A 30 -33.28 -31.07 -25.11
N TYR A 31 -33.30 -32.30 -24.61
CA TYR A 31 -32.58 -32.62 -23.38
C TYR A 31 -31.08 -32.43 -23.54
N SER A 32 -30.52 -32.84 -24.68
CA SER A 32 -29.08 -32.71 -24.87
C SER A 32 -28.67 -31.23 -25.00
N ALA A 33 -29.53 -30.40 -25.57
CA ALA A 33 -29.23 -28.98 -25.69
C ALA A 33 -29.29 -28.29 -24.34
N LYS A 34 -30.27 -28.64 -23.51
CA LYS A 34 -30.34 -28.04 -22.18
C LYS A 34 -29.25 -28.55 -21.26
N LEU A 35 -28.86 -29.83 -21.41
CA LEU A 35 -27.72 -30.34 -20.67
C LEU A 35 -26.44 -29.60 -21.04
N ASP A 36 -26.21 -29.40 -22.34
CA ASP A 36 -25.02 -28.66 -22.78
C ASP A 36 -25.05 -27.24 -22.25
N ASN A 37 -26.21 -26.58 -22.33
CA ASN A 37 -26.29 -25.20 -21.88
C ASN A 37 -26.01 -25.10 -20.38
N ALA A 38 -26.52 -26.06 -19.61
CA ALA A 38 -26.31 -26.06 -18.16
C ALA A 38 -24.87 -26.40 -17.81
N ARG A 39 -24.27 -27.31 -18.57
CA ARG A 39 -22.85 -27.64 -18.38
C ARG A 39 -21.98 -26.42 -18.64
N GLN A 40 -22.21 -25.73 -19.75
CA GLN A 40 -21.35 -24.59 -20.06
C GLN A 40 -21.53 -23.47 -19.04
N SER A 41 -22.76 -23.24 -18.57
CA SER A 41 -22.94 -22.16 -17.60
C SER A 41 -22.29 -22.52 -16.27
N ALA A 42 -22.40 -23.78 -15.84
CA ALA A 42 -21.76 -24.20 -14.59
C ALA A 42 -20.24 -24.07 -14.66
N GLU A 43 -19.65 -24.50 -15.77
CA GLU A 43 -18.19 -24.40 -15.89
C GLU A 43 -17.75 -22.93 -15.88
N ARG A 44 -18.54 -22.06 -16.51
CA ARG A 44 -18.16 -20.64 -16.54
C ARG A 44 -18.31 -19.96 -15.19
N ASN A 45 -19.37 -20.27 -14.46
CA ASN A 45 -19.57 -19.69 -13.14
C ASN A 45 -18.47 -20.14 -12.20
N SER A 46 -18.07 -21.42 -12.29
CA SER A 46 -16.95 -21.89 -11.47
C SER A 46 -15.66 -21.22 -11.88
N ASN A 47 -15.44 -21.04 -13.19
CA ASN A 47 -14.23 -20.34 -13.63
C ASN A 47 -14.23 -18.88 -13.19
N LEU A 48 -15.39 -18.23 -13.20
CA LEU A 48 -15.44 -16.83 -12.80
C LEU A 48 -15.17 -16.65 -11.31
N VAL A 49 -15.83 -17.46 -10.46
CA VAL A 49 -15.64 -17.30 -9.03
C VAL A 49 -14.22 -17.68 -8.63
N GLY A 50 -13.60 -18.63 -9.35
CA GLY A 50 -12.22 -18.95 -9.06
C GLY A 50 -11.26 -17.83 -9.43
N ALA A 51 -11.51 -17.16 -10.55
CA ALA A 51 -10.70 -16.02 -10.93
C ALA A 51 -10.87 -14.86 -9.96
N ALA A 52 -12.10 -14.59 -9.54
CA ALA A 52 -12.34 -13.53 -8.56
C ALA A 52 -11.63 -13.84 -7.25
N HIS A 53 -11.75 -15.08 -6.80
CA HIS A 53 -11.13 -15.48 -5.54
C HIS A 53 -9.62 -15.34 -5.63
N GLU A 54 -9.03 -15.84 -6.72
CA GLU A 54 -7.58 -15.71 -6.91
C GLU A 54 -7.13 -14.26 -6.88
N GLU A 55 -7.89 -13.37 -7.52
CA GLU A 55 -7.51 -11.96 -7.52
C GLU A 55 -7.54 -11.38 -6.12
N LEU A 56 -8.49 -11.82 -5.30
CA LEU A 56 -8.56 -11.34 -3.94
C LEU A 56 -7.37 -11.83 -3.12
N GLN A 57 -6.94 -13.09 -3.33
CA GLN A 57 -5.75 -13.56 -2.65
C GLN A 57 -4.53 -12.72 -3.04
N GLN A 58 -4.47 -12.28 -4.30
CA GLN A 58 -3.40 -11.41 -4.75
C GLN A 58 -3.44 -10.07 -4.00
N SER A 59 -4.65 -9.51 -3.88
CA SER A 59 -4.82 -8.23 -3.19
C SER A 59 -4.42 -8.32 -1.73
N ARG A 60 -4.72 -9.44 -1.07
CA ARG A 60 -4.32 -9.61 0.33
C ARG A 60 -2.80 -9.63 0.47
N ILE A 61 -2.11 -10.26 -0.47
CA ILE A 61 -0.64 -10.25 -0.44
C ILE A 61 -0.12 -8.82 -0.58
N ARG A 62 -0.74 -8.05 -1.47
CA ARG A 62 -0.35 -6.66 -1.65
C ARG A 62 -0.56 -5.84 -0.38
N ILE A 63 -1.67 -6.09 0.33
CA ILE A 63 -1.92 -5.33 1.55
C ILE A 63 -0.98 -5.75 2.67
N ASP A 64 -0.61 -7.02 2.72
CA ASP A 64 0.41 -7.45 3.67
C ASP A 64 1.73 -6.72 3.42
N SER A 65 2.10 -6.55 2.15
CA SER A 65 3.32 -5.81 1.82
C SER A 65 3.20 -4.35 2.22
N LEU A 66 2.03 -3.75 1.99
CA LEU A 66 1.86 -2.34 2.32
C LEU A 66 2.00 -2.12 3.82
N SER A 67 1.47 -3.05 4.62
CA SER A 67 1.61 -2.94 6.07
C SER A 67 3.07 -3.04 6.49
N ALA A 68 3.82 -3.96 5.89
CA ALA A 68 5.23 -4.08 6.22
C ALA A 68 5.99 -2.81 5.85
N GLN A 69 5.67 -2.21 4.71
CA GLN A 69 6.35 -0.98 4.30
C GLN A 69 5.98 0.18 5.21
N LEU A 70 4.74 0.23 5.70
CA LEU A 70 4.38 1.25 6.69
C LEU A 70 5.22 1.13 7.96
N SER A 71 5.54 -0.09 8.39
CA SER A 71 6.38 -0.28 9.57
C SER A 71 7.79 0.24 9.35
N GLN A 72 8.39 -0.09 8.19
CA GLN A 72 9.71 0.47 7.88
C GLN A 72 9.65 1.98 7.82
N LEU A 73 8.59 2.53 7.24
CA LEU A 73 8.43 3.97 7.23
C LEU A 73 8.38 4.52 8.66
N GLN A 74 7.71 3.82 9.56
CA GLN A 74 7.74 4.19 10.97
C GLN A 74 9.17 4.21 11.49
N LYS A 75 9.93 3.16 11.20
CA LYS A 75 11.32 3.10 11.64
C LYS A 75 12.15 4.25 11.06
N GLN A 76 11.94 4.56 9.78
CA GLN A 76 12.67 5.66 9.16
C GLN A 76 12.33 6.99 9.82
N LEU A 77 11.05 7.22 10.10
CA LEU A 77 10.66 8.50 10.70
C LEU A 77 11.02 8.58 12.19
N ALA A 78 11.23 7.43 12.84
CA ALA A 78 11.76 7.45 14.20
C ALA A 78 13.18 7.99 14.23
N ALA A 79 14.05 7.48 13.35
CA ALA A 79 15.42 7.95 13.28
C ALA A 79 15.50 9.42 12.90
N CYS A 80 14.58 9.87 12.05
CA CYS A 80 14.51 11.30 11.73
C CYS A 80 14.18 12.12 12.98
N GLU A 81 13.31 11.59 13.83
CA GLU A 81 13.00 12.29 15.08
C GLU A 81 14.21 12.34 16.01
N ALA A 82 15.07 11.31 15.95
CA ALA A 82 16.27 11.32 16.78
C ALA A 82 17.20 12.46 16.39
N LYS A 83 17.46 12.62 15.09
CA LYS A 83 18.33 13.69 14.65
C LYS A 83 17.74 15.06 14.94
N LEU A 84 16.41 15.14 15.01
CA LEU A 84 15.74 16.39 15.34
C LEU A 84 15.80 16.69 16.83
N ARG A 85 15.77 15.65 17.66
CA ARG A 85 15.87 15.86 19.11
C ARG A 85 17.27 16.28 19.52
N ASP A 86 18.30 15.59 19.01
CA ASP A 86 19.67 15.99 19.30
C ASP A 86 19.93 17.42 18.83
N LEU A 87 19.37 17.77 17.66
CA LEU A 87 19.44 19.14 17.19
C LEU A 87 18.75 20.11 18.14
N GLU A 88 17.51 19.79 18.52
CA GLU A 88 16.84 20.49 19.61
C GLU A 88 17.76 20.62 20.81
N ASP A 89 18.49 19.54 21.13
CA ASP A 89 19.23 19.48 22.38
C ASP A 89 20.41 20.44 22.34
N SER A 90 21.20 20.39 21.27
CA SER A 90 22.40 21.22 21.20
C SER A 90 22.07 22.68 20.96
N LEU A 91 21.00 22.98 20.23
CA LEU A 91 20.57 24.38 20.13
C LEU A 91 20.08 24.89 21.48
N ALA A 92 19.43 24.02 22.26
CA ALA A 92 19.06 24.40 23.62
C ALA A 92 20.28 24.55 24.51
N ARG A 93 21.32 23.76 24.26
CA ARG A 93 22.57 23.92 24.99
C ARG A 93 23.16 25.29 24.73
N GLU A 94 23.17 25.69 23.46
CA GLU A 94 23.66 27.01 23.10
C GLU A 94 22.77 28.12 23.64
N ARG A 95 21.45 27.89 23.71
CA ARG A 95 20.56 28.88 24.29
C ARG A 95 20.87 29.08 25.77
N ASP A 96 20.92 27.98 26.54
CA ASP A 96 21.23 28.07 27.97
C ASP A 96 22.56 28.78 28.21
N THR A 97 23.59 28.41 27.46
CA THR A 97 24.90 29.04 27.66
C THR A 97 24.85 30.52 27.31
N SER A 98 24.04 30.90 26.32
CA SER A 98 23.95 32.31 25.94
C SER A 98 23.23 33.13 27.01
N ARG A 99 22.18 32.56 27.62
CA ARG A 99 21.48 33.27 28.69
C ARG A 99 22.40 33.54 29.87
N ARG A 100 23.25 32.58 30.21
CA ARG A 100 24.26 32.77 31.24
C ARG A 100 25.42 33.65 30.77
N LEU A 101 25.38 34.12 29.53
CA LEU A 101 26.35 35.07 29.00
C LEU A 101 27.76 34.49 29.02
N ALA B 8 60.34 54.84 41.06
CA ALA B 8 59.11 54.18 41.45
C ALA B 8 58.01 54.38 40.40
N LEU B 9 57.93 55.60 39.85
CA LEU B 9 56.94 55.88 38.82
C LEU B 9 57.18 55.04 37.58
N GLN B 10 58.37 55.15 36.99
CA GLN B 10 58.66 54.40 35.77
C GLN B 10 58.73 52.90 36.02
N GLU B 11 59.02 52.49 37.25
CA GLU B 11 58.98 51.07 37.58
C GLU B 11 57.55 50.57 37.58
N LEU B 12 56.62 51.36 38.13
CA LEU B 12 55.22 50.97 38.13
C LEU B 12 54.67 50.94 36.71
N ARG B 13 55.08 51.89 35.86
CA ARG B 13 54.57 51.95 34.49
C ARG B 13 55.11 50.82 33.64
N ALA B 14 56.37 50.43 33.85
CA ALA B 14 56.91 49.29 33.12
C ALA B 14 56.26 48.01 33.58
N GLN B 15 56.00 47.87 34.90
CA GLN B 15 55.31 46.69 35.40
C GLN B 15 53.92 46.58 34.82
N HIS B 16 53.20 47.70 34.72
CA HIS B 16 51.86 47.69 34.13
C HIS B 16 51.88 47.30 32.66
N GLU B 17 52.87 47.80 31.91
CA GLU B 17 52.92 47.49 30.48
C GLU B 17 53.15 46.00 30.25
N ASP B 18 53.98 45.37 31.09
CA ASP B 18 54.18 43.92 30.95
C ASP B 18 52.93 43.16 31.33
N GLN B 19 52.18 43.64 32.31
CA GLN B 19 50.93 42.99 32.68
C GLN B 19 49.92 43.08 31.54
N VAL B 20 49.79 44.25 30.91
CA VAL B 20 48.85 44.41 29.81
C VAL B 20 49.28 43.56 28.63
N GLU B 21 50.58 43.47 28.38
CA GLU B 21 51.07 42.60 27.31
C GLU B 21 50.71 41.15 27.57
N GLN B 22 50.85 40.70 28.82
CA GLN B 22 50.48 39.32 29.14
C GLN B 22 48.98 39.12 29.09
N TYR B 23 48.21 40.12 29.53
CA TYR B 23 46.76 40.01 29.48
C TYR B 23 46.26 39.90 28.04
N LYS B 24 46.84 40.71 27.14
CA LYS B 24 46.39 40.70 25.75
C LYS B 24 46.62 39.34 25.10
N LYS B 25 47.82 38.80 25.23
CA LYS B 25 48.10 37.50 24.64
C LYS B 25 47.18 36.42 25.19
N GLU B 26 46.90 36.46 26.50
CA GLU B 26 45.94 35.52 27.07
C GLU B 26 44.53 35.80 26.56
N LEU B 27 44.21 37.06 26.29
CA LEU B 27 42.89 37.39 25.73
C LEU B 27 42.76 36.87 24.30
N GLU B 28 43.73 37.15 23.43
CA GLU B 28 43.64 36.69 22.04
C GLU B 28 43.63 35.17 21.95
N LYS B 29 44.33 34.49 22.85
CA LYS B 29 44.33 33.02 22.79
C LYS B 29 42.98 32.45 23.17
N THR B 30 42.31 33.06 24.16
CA THR B 30 40.98 32.60 24.52
C THR B 30 39.95 32.98 23.45
N TYR B 31 40.11 34.15 22.86
CA TYR B 31 39.23 34.57 21.78
C TYR B 31 39.36 33.66 20.56
N SER B 32 40.55 33.13 20.31
CA SER B 32 40.73 32.16 19.23
C SER B 32 40.14 30.80 19.59
N ALA B 33 40.20 30.42 20.87
CA ALA B 33 39.58 29.17 21.28
C ALA B 33 38.06 29.25 21.25
N LYS B 34 37.50 30.43 21.58
CA LYS B 34 36.06 30.61 21.46
C LYS B 34 35.59 30.47 20.01
N LEU B 35 36.29 31.14 19.09
CA LEU B 35 35.88 31.09 17.69
C LEU B 35 36.00 29.69 17.11
N ASP B 36 36.89 28.86 17.67
CA ASP B 36 37.07 27.51 17.13
C ASP B 36 36.03 26.55 17.68
N ASN B 37 35.64 26.70 18.94
CA ASN B 37 34.60 25.83 19.50
C ASN B 37 33.23 26.15 18.94
N ALA B 38 32.96 27.43 18.66
CA ALA B 38 31.72 27.78 17.97
C ALA B 38 31.68 27.14 16.59
N ARG B 39 32.84 26.97 15.94
CA ARG B 39 32.90 26.26 14.67
C ARG B 39 32.63 24.78 14.84
N GLN B 40 33.20 24.17 15.88
CA GLN B 40 33.06 22.73 16.05
C GLN B 40 31.63 22.34 16.41
N SER B 41 31.05 23.01 17.41
CA SER B 41 29.70 22.69 17.84
C SER B 41 28.66 23.01 16.76
N ALA B 42 28.93 23.97 15.87
CA ALA B 42 27.96 24.30 14.83
C ALA B 42 27.99 23.28 13.69
N GLU B 43 29.15 22.70 13.40
CA GLU B 43 29.25 21.69 12.36
C GLU B 43 28.44 20.46 12.72
N ARG B 44 28.68 19.91 13.92
CA ARG B 44 27.92 18.75 14.39
C ARG B 44 26.43 19.02 14.31
N ASN B 45 26.02 20.24 14.62
CA ASN B 45 24.62 20.62 14.47
C ASN B 45 24.18 20.56 13.02
N SER B 46 25.09 20.84 12.09
CA SER B 46 24.71 20.96 10.68
C SER B 46 24.44 19.61 10.02
N ASN B 47 25.13 18.56 10.45
CA ASN B 47 24.84 17.24 9.90
C ASN B 47 23.58 16.65 10.52
N LEU B 48 23.46 16.75 11.84
CA LEU B 48 22.20 16.42 12.50
C LEU B 48 21.04 17.20 11.90
N VAL B 49 21.32 18.36 11.31
CA VAL B 49 20.33 19.02 10.47
C VAL B 49 20.21 18.27 9.14
N GLY B 50 21.33 18.13 8.43
CA GLY B 50 21.30 17.54 7.11
C GLY B 50 20.97 16.06 7.10
N ALA B 51 21.36 15.33 8.14
CA ALA B 51 21.00 13.93 8.23
C ALA B 51 19.51 13.76 8.48
N ALA B 52 18.94 14.62 9.31
CA ALA B 52 17.49 14.63 9.48
C ALA B 52 16.79 15.01 8.19
N HIS B 53 17.39 15.89 7.39
CA HIS B 53 16.81 16.24 6.10
C HIS B 53 16.82 15.05 5.16
N GLU B 54 17.95 14.36 5.05
CA GLU B 54 18.05 13.27 4.08
C GLU B 54 17.22 12.06 4.51
N GLU B 55 17.07 11.84 5.82
CA GLU B 55 16.22 10.74 6.27
C GLU B 55 14.74 11.07 6.07
N LEU B 56 14.37 12.35 6.15
CA LEU B 56 13.01 12.74 5.81
C LEU B 56 12.77 12.63 4.31
N GLN B 57 13.75 12.98 3.48
CA GLN B 57 13.58 12.85 2.05
C GLN B 57 13.46 11.38 1.64
N GLN B 58 14.19 10.49 2.32
CA GLN B 58 13.98 9.06 2.09
C GLN B 58 12.54 8.66 2.39
N SER B 59 11.98 9.13 3.50
CA SER B 59 10.59 8.83 3.81
C SER B 59 9.64 9.42 2.79
N ARG B 60 9.96 10.60 2.28
CA ARG B 60 9.16 11.24 1.24
C ARG B 60 8.93 10.30 0.07
N ILE B 61 10.00 9.70 -0.46
CA ILE B 61 9.84 8.91 -1.67
C ILE B 61 9.29 7.52 -1.35
N ARG B 62 9.37 7.06 -0.09
CA ARG B 62 8.68 5.82 0.26
C ARG B 62 7.18 5.97 0.15
N ILE B 63 6.63 7.09 0.65
CA ILE B 63 5.20 7.28 0.54
C ILE B 63 4.77 7.55 -0.89
N ASP B 64 5.66 8.10 -1.72
CA ASP B 64 5.37 8.16 -3.15
C ASP B 64 5.21 6.76 -3.72
N SER B 65 6.06 5.82 -3.31
CA SER B 65 5.89 4.43 -3.72
C SER B 65 4.61 3.83 -3.15
N LEU B 66 4.32 4.13 -1.88
CA LEU B 66 3.11 3.59 -1.26
C LEU B 66 1.86 4.05 -1.99
N SER B 67 1.85 5.30 -2.46
CA SER B 67 0.68 5.78 -3.21
C SER B 67 0.56 5.10 -4.56
N ALA B 68 1.69 4.82 -5.21
CA ALA B 68 1.65 4.07 -6.47
C ALA B 68 1.12 2.66 -6.26
N GLN B 69 1.53 2.01 -5.16
CA GLN B 69 1.07 0.66 -4.89
C GLN B 69 -0.39 0.63 -4.51
N LEU B 70 -0.88 1.66 -3.82
CA LEU B 70 -2.30 1.76 -3.53
C LEU B 70 -3.12 1.84 -4.81
N SER B 71 -2.62 2.58 -5.81
CA SER B 71 -3.33 2.68 -7.07
C SER B 71 -3.35 1.33 -7.81
N GLN B 72 -2.25 0.59 -7.78
CA GLN B 72 -2.21 -0.74 -8.37
C GLN B 72 -3.20 -1.67 -7.67
N LEU B 73 -3.25 -1.61 -6.34
CA LEU B 73 -4.20 -2.42 -5.60
C LEU B 73 -5.63 -2.04 -5.95
N GLN B 74 -5.88 -0.74 -6.16
CA GLN B 74 -7.23 -0.31 -6.47
C GLN B 74 -7.68 -0.85 -7.82
N LYS B 75 -6.78 -0.86 -8.82
CA LYS B 75 -7.11 -1.44 -10.11
C LYS B 75 -7.41 -2.94 -10.00
N GLN B 76 -6.65 -3.63 -9.16
CA GLN B 76 -6.86 -5.06 -8.98
C GLN B 76 -8.20 -5.36 -8.35
N LEU B 77 -8.59 -4.58 -7.34
CA LEU B 77 -9.90 -4.77 -6.74
C LEU B 77 -11.03 -4.37 -7.69
N ALA B 78 -10.78 -3.37 -8.54
CA ALA B 78 -11.78 -2.99 -9.53
C ALA B 78 -12.00 -4.11 -10.55
N ALA B 79 -10.94 -4.83 -10.92
CA ALA B 79 -11.09 -5.97 -11.81
C ALA B 79 -11.80 -7.13 -11.12
N CYS B 80 -11.52 -7.33 -9.83
CA CYS B 80 -12.25 -8.33 -9.06
C CYS B 80 -13.74 -8.00 -9.01
N GLU B 81 -14.05 -6.71 -8.79
CA GLU B 81 -15.45 -6.30 -8.75
C GLU B 81 -16.14 -6.55 -10.08
N ALA B 82 -15.43 -6.33 -11.19
CA ALA B 82 -16.07 -6.55 -12.50
C ALA B 82 -16.39 -8.03 -12.72
N LYS B 83 -15.52 -8.92 -12.25
CA LYS B 83 -15.81 -10.35 -12.31
C LYS B 83 -17.02 -10.68 -11.45
N LEU B 84 -17.11 -10.10 -10.26
CA LEU B 84 -18.25 -10.39 -9.38
C LEU B 84 -19.55 -9.84 -9.97
N ARG B 85 -19.49 -8.68 -10.62
CA ARG B 85 -20.69 -8.16 -11.30
C ARG B 85 -21.17 -9.13 -12.39
N ASP B 86 -20.23 -9.62 -13.21
CA ASP B 86 -20.54 -10.65 -14.20
C ASP B 86 -21.15 -11.88 -13.55
N LEU B 87 -20.49 -12.38 -12.50
CA LEU B 87 -21.00 -13.58 -11.83
C LEU B 87 -22.37 -13.31 -11.22
N GLU B 88 -22.56 -12.12 -10.65
CA GLU B 88 -23.86 -11.81 -10.06
C GLU B 88 -24.92 -11.74 -11.14
N ASP B 89 -24.58 -11.22 -12.31
CA ASP B 89 -25.52 -11.20 -13.43
C ASP B 89 -25.94 -12.62 -13.81
N SER B 90 -24.96 -13.52 -13.98
CA SER B 90 -25.26 -14.88 -14.38
C SER B 90 -26.08 -15.61 -13.33
N LEU B 91 -25.74 -15.42 -12.05
CA LEU B 91 -26.48 -16.10 -10.99
C LEU B 91 -27.89 -15.51 -10.84
N ALA B 92 -28.05 -14.22 -11.12
CA ALA B 92 -29.38 -13.62 -11.11
C ALA B 92 -30.27 -14.25 -12.18
N ARG B 93 -29.71 -14.51 -13.37
CA ARG B 93 -30.48 -15.15 -14.43
C ARG B 93 -30.90 -16.56 -14.03
N GLU B 94 -30.01 -17.28 -13.38
CA GLU B 94 -30.36 -18.63 -12.93
C GLU B 94 -31.41 -18.59 -11.83
N ARG B 95 -31.27 -17.66 -10.87
CA ARG B 95 -32.29 -17.49 -9.84
C ARG B 95 -33.66 -17.21 -10.48
N ASP B 96 -33.71 -16.20 -11.36
CA ASP B 96 -34.98 -15.85 -12.00
C ASP B 96 -35.55 -17.02 -12.81
N THR B 97 -34.68 -17.79 -13.47
CA THR B 97 -35.15 -18.98 -14.18
C THR B 97 -35.83 -19.95 -13.21
N SER B 98 -35.17 -20.25 -12.10
CA SER B 98 -35.78 -21.14 -11.11
C SER B 98 -37.09 -20.56 -10.58
N ARG B 99 -37.20 -19.23 -10.48
CA ARG B 99 -38.47 -18.64 -10.05
C ARG B 99 -39.56 -18.84 -11.10
N ARG B 100 -39.19 -18.91 -12.38
CA ARG B 100 -40.18 -19.12 -13.44
C ARG B 100 -40.67 -20.56 -13.50
N LEU B 101 -39.89 -21.51 -13.00
CA LEU B 101 -40.37 -22.87 -12.79
C LEU B 101 -41.28 -22.94 -11.57
#